data_4POB
#
_entry.id   4POB
#
_cell.length_a   37.500
_cell.length_b   47.490
_cell.length_c   108.750
_cell.angle_alpha   90.000
_cell.angle_beta   90.000
_cell.angle_gamma   90.000
#
_symmetry.space_group_name_H-M   'P 21 21 21'
#
loop_
_entity.id
_entity.type
_entity.pdbx_description
1 polymer Thioredoxin
2 non-polymer 1,2-ETHANEDIOL
3 non-polymer 'SODIUM ION'
4 water water
#
_entity_poly.entity_id   1
_entity_poly.type   'polypeptide(L)'
_entity_poly.pdbx_seq_one_letter_code
;MAHHHHHHMSDHATVTVTDDSFQEDVVSSNKPVLVDFWATWCGPCKMVAPVLEEIAKDHGEALTIAKLDVDANPETARAF
QVTSIPTLILFQNGEATKRIVGAKSKSALLRELDGVV
;
_entity_poly.pdbx_strand_id   A,B
#
loop_
_chem_comp.id
_chem_comp.type
_chem_comp.name
_chem_comp.formula
EDO non-polymer 1,2-ETHANEDIOL 'C2 H6 O2'
NA non-polymer 'SODIUM ION' 'Na 1'
#
# COMPACT_ATOMS: atom_id res chain seq x y z
N ASP A 11 -7.12 -22.58 -14.97
CA ASP A 11 -7.42 -22.20 -16.38
C ASP A 11 -8.67 -21.35 -16.54
N HIS A 12 -9.50 -21.20 -15.50
CA HIS A 12 -10.67 -20.31 -15.59
C HIS A 12 -10.90 -19.44 -14.37
N ALA A 13 -9.95 -19.40 -13.41
CA ALA A 13 -10.16 -18.70 -12.14
C ALA A 13 -8.85 -18.23 -11.59
N THR A 14 -8.92 -17.20 -10.76
CA THR A 14 -7.71 -16.75 -10.06
C THR A 14 -7.21 -17.79 -9.06
N VAL A 15 -5.93 -17.69 -8.74
CA VAL A 15 -5.26 -18.55 -7.74
C VAL A 15 -4.62 -17.72 -6.63
N THR A 16 -4.32 -18.36 -5.49
CA THR A 16 -3.64 -17.67 -4.37
C THR A 16 -2.18 -18.06 -4.41
N VAL A 17 -1.30 -17.09 -4.20
CA VAL A 17 0.13 -17.39 -4.02
C VAL A 17 0.60 -16.77 -2.72
N THR A 18 1.68 -17.32 -2.20
CA THR A 18 2.20 -16.97 -0.90
C THR A 18 3.72 -16.85 -0.91
N ASP A 19 4.29 -16.34 0.18
CA ASP A 19 5.75 -16.34 0.32
C ASP A 19 6.31 -17.75 0.09
N ASP A 20 5.67 -18.77 0.66
CA ASP A 20 6.15 -20.15 0.55
CA ASP A 20 6.18 -20.12 0.53
C ASP A 20 6.02 -20.70 -0.88
N SER A 21 4.97 -20.29 -1.61
CA SER A 21 4.67 -20.87 -2.92
C SER A 21 5.17 -20.05 -4.13
N PHE A 22 5.69 -18.85 -3.88
CA PHE A 22 5.93 -17.88 -4.97
C PHE A 22 6.94 -18.35 -6.00
N GLN A 23 8.03 -18.96 -5.54
CA GLN A 23 9.10 -19.40 -6.45
CA GLN A 23 9.06 -19.33 -6.49
C GLN A 23 8.55 -20.44 -7.42
N GLU A 24 7.79 -21.38 -6.90
CA GLU A 24 7.27 -22.47 -7.73
C GLU A 24 6.09 -22.01 -8.61
N ASP A 25 5.16 -21.28 -8.01
CA ASP A 25 3.91 -20.90 -8.66
C ASP A 25 4.09 -19.78 -9.68
N VAL A 26 4.92 -18.80 -9.36
CA VAL A 26 5.07 -17.61 -10.23
C VAL A 26 6.39 -17.60 -10.98
N VAL A 27 7.49 -17.64 -10.24
CA VAL A 27 8.82 -17.46 -10.88
C VAL A 27 9.10 -18.60 -11.87
N SER A 28 8.75 -19.81 -11.47
CA SER A 28 8.98 -21.02 -12.29
C SER A 28 7.85 -21.40 -13.24
N SER A 29 6.76 -20.65 -13.23
CA SER A 29 5.67 -20.88 -14.18
C SER A 29 6.11 -20.79 -15.63
N ASN A 30 5.63 -21.70 -16.48
CA ASN A 30 5.83 -21.50 -17.94
C ASN A 30 4.76 -20.62 -18.59
N LYS A 31 3.56 -20.60 -18.02
CA LYS A 31 2.57 -19.60 -18.46
C LYS A 31 3.00 -18.24 -17.91
N PRO A 32 2.70 -17.16 -18.62
CA PRO A 32 2.82 -15.85 -17.94
C PRO A 32 1.90 -15.81 -16.73
N VAL A 33 2.27 -15.03 -15.72
CA VAL A 33 1.48 -14.90 -14.50
C VAL A 33 1.33 -13.42 -14.19
N LEU A 34 0.12 -12.97 -13.95
CA LEU A 34 -0.16 -11.61 -13.47
C LEU A 34 -0.45 -11.72 -11.99
N VAL A 35 0.40 -11.11 -11.16
CA VAL A 35 0.24 -11.13 -9.72
C VAL A 35 -0.36 -9.81 -9.25
N ASP A 36 -1.45 -9.95 -8.51
CA ASP A 36 -2.16 -8.84 -7.86
C ASP A 36 -1.70 -8.74 -6.42
N PHE A 37 -0.88 -7.73 -6.15
CA PHE A 37 -0.42 -7.43 -4.81
C PHE A 37 -1.50 -6.58 -4.18
N TRP A 38 -2.25 -7.15 -3.24
CA TRP A 38 -3.43 -6.50 -2.70
C TRP A 38 -3.42 -6.54 -1.18
N ALA A 39 -4.34 -5.78 -0.60
CA ALA A 39 -4.50 -5.74 0.85
C ALA A 39 -5.93 -5.55 1.28
N THR A 40 -6.25 -6.12 2.44
CA THR A 40 -7.53 -5.99 3.05
C THR A 40 -7.88 -4.53 3.36
N TRP A 41 -6.88 -3.67 3.56
CA TRP A 41 -7.09 -2.30 4.07
C TRP A 41 -7.23 -1.28 2.93
N CYS A 42 -7.20 -1.79 1.68
CA CYS A 42 -7.12 -0.93 0.50
C CYS A 42 -8.37 -1.09 -0.38
N GLY A 43 -9.22 -0.07 -0.40
CA GLY A 43 -10.49 -0.03 -1.16
C GLY A 43 -10.48 -0.40 -2.65
N PRO A 44 -9.60 0.23 -3.45
CA PRO A 44 -9.50 -0.09 -4.86
C PRO A 44 -9.21 -1.57 -5.17
N CYS A 45 -8.62 -2.30 -4.22
CA CYS A 45 -8.43 -3.75 -4.43
C CYS A 45 -9.77 -4.45 -4.61
N LYS A 46 -10.80 -4.00 -3.90
CA LYS A 46 -12.15 -4.58 -4.05
C LYS A 46 -12.73 -4.35 -5.44
N MET A 47 -12.39 -3.24 -6.07
CA MET A 47 -12.83 -2.95 -7.42
C MET A 47 -12.12 -3.81 -8.45
N VAL A 48 -10.81 -4.04 -8.26
CA VAL A 48 -10.06 -4.76 -9.30
C VAL A 48 -10.25 -6.28 -9.20
N ALA A 49 -10.60 -6.80 -8.04
CA ALA A 49 -10.74 -8.26 -7.85
C ALA A 49 -11.72 -8.91 -8.87
N PRO A 50 -12.95 -8.38 -9.00
CA PRO A 50 -13.83 -9.04 -9.99
C PRO A 50 -13.39 -8.84 -11.44
N VAL A 51 -12.68 -7.74 -11.73
CA VAL A 51 -12.14 -7.54 -13.05
C VAL A 51 -11.16 -8.67 -13.39
N LEU A 52 -10.26 -8.95 -12.47
CA LEU A 52 -9.31 -10.03 -12.62
C LEU A 52 -10.00 -11.37 -12.80
N GLU A 53 -11.06 -11.61 -12.04
CA GLU A 53 -11.78 -12.87 -12.18
C GLU A 53 -12.34 -13.01 -13.60
N GLU A 54 -12.87 -11.91 -14.15
CA GLU A 54 -13.47 -11.93 -15.48
C GLU A 54 -12.42 -12.17 -16.55
N ILE A 55 -11.23 -11.58 -16.38
CA ILE A 55 -10.11 -11.87 -17.27
C ILE A 55 -9.68 -13.36 -17.15
N ALA A 56 -9.69 -13.91 -15.95
CA ALA A 56 -9.32 -15.33 -15.79
C ALA A 56 -10.32 -16.25 -16.50
N LYS A 57 -11.60 -15.89 -16.43
CA LYS A 57 -12.63 -16.66 -17.12
C LYS A 57 -12.41 -16.73 -18.62
N ASP A 58 -12.04 -15.60 -19.20
CA ASP A 58 -11.87 -15.46 -20.63
C ASP A 58 -10.52 -15.96 -21.13
N HIS A 59 -9.47 -15.88 -20.31
CA HIS A 59 -8.10 -16.04 -20.79
C HIS A 59 -7.20 -16.94 -19.94
N GLY A 60 -7.78 -17.61 -18.95
CA GLY A 60 -7.00 -18.38 -17.99
C GLY A 60 -6.15 -19.52 -18.57
N GLU A 61 -6.50 -20.06 -19.72
CA GLU A 61 -5.63 -21.06 -20.34
C GLU A 61 -4.33 -20.48 -20.85
N ALA A 62 -4.27 -19.16 -21.07
CA ALA A 62 -3.06 -18.49 -21.57
C ALA A 62 -2.30 -17.74 -20.48
N LEU A 63 -3.02 -17.26 -19.47
CA LEU A 63 -2.46 -16.37 -18.44
C LEU A 63 -2.97 -16.80 -17.07
N THR A 64 -2.07 -17.06 -16.13
CA THR A 64 -2.46 -17.30 -14.76
C THR A 64 -2.60 -15.96 -14.04
N ILE A 65 -3.70 -15.79 -13.31
CA ILE A 65 -3.89 -14.63 -12.48
C ILE A 65 -3.86 -15.06 -10.99
N ALA A 66 -2.85 -14.53 -10.30
CA ALA A 66 -2.53 -14.89 -8.93
C ALA A 66 -2.69 -13.70 -8.01
N LYS A 67 -3.11 -13.99 -6.77
CA LYS A 67 -3.31 -12.92 -5.77
C LYS A 67 -2.36 -13.13 -4.60
N LEU A 68 -1.68 -12.05 -4.21
CA LEU A 68 -0.70 -12.09 -3.11
C LEU A 68 -1.12 -11.04 -2.09
N ASP A 69 -1.58 -11.49 -0.93
CA ASP A 69 -1.99 -10.60 0.15
C ASP A 69 -0.71 -10.06 0.82
N VAL A 70 -0.40 -8.77 0.65
CA VAL A 70 0.93 -8.25 1.04
C VAL A 70 1.19 -8.37 2.53
N ASP A 71 0.16 -8.21 3.35
CA ASP A 71 0.40 -8.23 4.79
C ASP A 71 0.62 -9.62 5.33
N ALA A 72 0.02 -10.63 4.68
CA ALA A 72 0.29 -12.04 4.97
C ALA A 72 1.57 -12.60 4.39
N ASN A 73 2.13 -11.87 3.42
CA ASN A 73 3.27 -12.33 2.61
C ASN A 73 4.27 -11.20 2.47
N PRO A 74 4.81 -10.79 3.61
CA PRO A 74 5.68 -9.63 3.65
C PRO A 74 7.00 -9.83 2.89
N GLU A 75 7.51 -11.05 2.77
CA GLU A 75 8.78 -11.25 2.08
C GLU A 75 8.64 -10.93 0.57
N THR A 76 7.55 -11.40 -0.04
CA THR A 76 7.35 -11.14 -1.48
C THR A 76 6.98 -9.66 -1.73
N ALA A 77 6.15 -9.09 -0.86
CA ALA A 77 5.77 -7.70 -0.95
C ALA A 77 7.01 -6.80 -0.96
N ARG A 78 7.89 -7.03 0.00
CA ARG A 78 9.13 -6.26 0.10
C ARG A 78 10.02 -6.55 -1.12
N ALA A 79 10.11 -7.81 -1.51
CA ALA A 79 10.96 -8.17 -2.66
C ALA A 79 10.65 -7.40 -3.93
N PHE A 80 9.38 -7.11 -4.15
CA PHE A 80 8.96 -6.33 -5.32
C PHE A 80 8.68 -4.87 -5.02
N GLN A 81 9.10 -4.45 -3.83
CA GLN A 81 9.05 -3.05 -3.42
C GLN A 81 7.68 -2.44 -3.76
N VAL A 82 6.64 -3.10 -3.27
CA VAL A 82 5.30 -2.63 -3.57
CA VAL A 82 5.28 -2.68 -3.53
C VAL A 82 4.95 -1.61 -2.50
N THR A 83 4.87 -0.36 -2.92
CA THR A 83 4.58 0.70 -2.00
C THR A 83 3.25 1.33 -2.32
N SER A 84 2.62 0.93 -3.43
CA SER A 84 1.26 1.37 -3.75
C SER A 84 0.41 0.10 -3.97
N ILE A 85 -0.85 0.15 -3.57
CA ILE A 85 -1.73 -1.02 -3.62
C ILE A 85 -3.04 -0.60 -4.30
N PRO A 86 -3.60 -1.44 -5.19
CA PRO A 86 -2.97 -2.65 -5.70
C PRO A 86 -1.83 -2.33 -6.68
N THR A 87 -0.85 -3.23 -6.76
CA THR A 87 0.11 -3.26 -7.86
C THR A 87 -0.02 -4.62 -8.54
N LEU A 88 -0.16 -4.61 -9.85
CA LEU A 88 -0.21 -5.82 -10.64
C LEU A 88 1.10 -5.96 -11.40
N ILE A 89 1.78 -7.09 -11.21
CA ILE A 89 3.07 -7.32 -11.89
C ILE A 89 2.93 -8.53 -12.79
N LEU A 90 3.32 -8.36 -14.06
CA LEU A 90 3.38 -9.43 -15.01
C LEU A 90 4.75 -10.10 -14.97
N PHE A 91 4.74 -11.43 -14.86
CA PHE A 91 5.94 -12.23 -14.89
C PHE A 91 5.96 -13.08 -16.15
N GLN A 92 7.05 -13.02 -16.88
CA GLN A 92 7.27 -13.91 -18.04
C GLN A 92 8.62 -14.58 -17.85
N ASN A 93 8.59 -15.91 -17.71
CA ASN A 93 9.79 -16.67 -17.34
C ASN A 93 10.41 -16.14 -16.05
N GLY A 94 9.56 -15.71 -15.12
CA GLY A 94 10.01 -15.23 -13.83
C GLY A 94 10.55 -13.82 -13.82
N GLU A 95 10.67 -13.19 -14.99
CA GLU A 95 11.11 -11.81 -15.08
C GLU A 95 9.86 -10.91 -14.90
N ALA A 96 9.94 -9.92 -14.01
CA ALA A 96 8.87 -8.92 -13.86
C ALA A 96 9.00 -7.93 -15.02
N THR A 97 8.11 -8.05 -16.00
CA THR A 97 8.22 -7.28 -17.24
C THR A 97 7.25 -6.09 -17.34
N LYS A 98 6.25 -6.03 -16.45
CA LYS A 98 5.34 -4.89 -16.41
C LYS A 98 4.82 -4.68 -15.01
N ARG A 99 4.66 -3.42 -14.60
CA ARG A 99 4.09 -3.08 -13.31
CA ARG A 99 4.12 -3.03 -13.29
C ARG A 99 2.95 -2.10 -13.56
N ILE A 100 1.75 -2.49 -13.15
CA ILE A 100 0.55 -1.69 -13.35
C ILE A 100 0.07 -1.24 -11.97
N VAL A 101 -0.07 0.06 -11.75
CA VAL A 101 -0.47 0.59 -10.45
C VAL A 101 -1.94 1.06 -10.43
N GLY A 102 -2.69 0.57 -9.44
CA GLY A 102 -4.06 1.00 -9.20
C GLY A 102 -5.12 0.14 -9.85
N ALA A 103 -6.35 0.33 -9.42
CA ALA A 103 -7.46 -0.37 -10.06
C ALA A 103 -7.65 0.11 -11.49
N LYS A 104 -7.98 -0.82 -12.37
CA LYS A 104 -8.17 -0.55 -13.79
C LYS A 104 -9.45 -1.23 -14.23
N SER A 105 -10.10 -0.68 -15.25
CA SER A 105 -11.23 -1.34 -15.87
C SER A 105 -10.78 -2.59 -16.61
N LYS A 106 -11.72 -3.47 -16.93
CA LYS A 106 -11.41 -4.66 -17.72
C LYS A 106 -10.79 -4.27 -19.08
N SER A 107 -11.35 -3.28 -19.79
CA SER A 107 -10.77 -2.84 -21.06
CA SER A 107 -10.76 -2.90 -21.07
C SER A 107 -9.36 -2.31 -20.92
N ALA A 108 -9.14 -1.49 -19.90
CA ALA A 108 -7.85 -0.91 -19.64
C ALA A 108 -6.80 -1.99 -19.34
N LEU A 109 -7.18 -2.94 -18.50
CA LEU A 109 -6.23 -3.99 -18.13
C LEU A 109 -5.93 -4.86 -19.34
N LEU A 110 -6.94 -5.18 -20.14
CA LEU A 110 -6.69 -5.97 -21.35
C LEU A 110 -5.70 -5.26 -22.27
N ARG A 111 -5.82 -3.94 -22.38
CA ARG A 111 -4.84 -3.18 -23.18
C ARG A 111 -3.43 -3.26 -22.58
N GLU A 112 -3.33 -3.23 -21.25
CA GLU A 112 -2.02 -3.37 -20.63
C GLU A 112 -1.41 -4.72 -20.93
N LEU A 113 -2.26 -5.71 -21.13
CA LEU A 113 -1.84 -7.08 -21.39
C LEU A 113 -1.77 -7.43 -22.88
N ASP A 114 -1.67 -6.42 -23.73
CA ASP A 114 -1.50 -6.58 -25.16
C ASP A 114 -0.34 -7.53 -25.45
N GLY A 115 -0.61 -8.50 -26.32
CA GLY A 115 0.33 -9.52 -26.69
C GLY A 115 0.38 -10.69 -25.74
N VAL A 116 -0.15 -10.53 -24.54
CA VAL A 116 -0.19 -11.62 -23.57
C VAL A 116 -1.50 -12.38 -23.62
N VAL A 117 -2.60 -11.62 -23.66
CA VAL A 117 -3.91 -12.16 -23.93
C VAL A 117 -4.65 -11.29 -24.92
N ALA B 13 7.99 9.20 22.12
CA ALA B 13 7.31 10.49 21.75
C ALA B 13 6.15 10.30 20.79
N THR B 14 6.35 9.46 19.76
CA THR B 14 5.31 9.15 18.81
C THR B 14 4.16 8.47 19.56
N VAL B 15 2.91 8.73 19.17
CA VAL B 15 1.77 8.03 19.79
C VAL B 15 1.08 7.07 18.81
N THR B 16 0.48 5.99 19.33
CA THR B 16 -0.24 5.00 18.51
C THR B 16 -1.71 5.34 18.53
N VAL B 17 -2.31 5.51 17.36
CA VAL B 17 -3.76 5.77 17.27
C VAL B 17 -4.43 4.64 16.49
N THR B 18 -5.71 4.42 16.76
CA THR B 18 -6.45 3.30 16.19
C THR B 18 -7.77 3.81 15.64
N ASP B 19 -8.51 2.92 14.95
CA ASP B 19 -9.86 3.24 14.51
C ASP B 19 -10.70 3.76 15.69
N ASP B 20 -10.58 3.11 16.85
CA ASP B 20 -11.36 3.49 18.02
C ASP B 20 -10.97 4.84 18.63
N SER B 21 -9.67 5.14 18.64
CA SER B 21 -9.14 6.34 19.28
C SER B 21 -8.99 7.55 18.34
N PHE B 22 -9.21 7.34 17.05
CA PHE B 22 -8.85 8.38 16.06
C PHE B 22 -9.55 9.71 16.29
N GLN B 23 -10.85 9.64 16.58
CA GLN B 23 -11.67 10.83 16.79
C GLN B 23 -11.19 11.64 18.02
N GLU B 24 -10.93 10.97 19.13
CA GLU B 24 -10.39 11.66 20.32
C GLU B 24 -8.96 12.16 20.10
N ASP B 25 -8.12 11.29 19.54
CA ASP B 25 -6.68 11.53 19.52
C ASP B 25 -6.23 12.47 18.41
N VAL B 26 -6.95 12.49 17.30
CA VAL B 26 -6.52 13.23 16.12
C VAL B 26 -7.53 14.32 15.76
N VAL B 27 -8.76 13.93 15.45
CA VAL B 27 -9.71 14.89 14.93
C VAL B 27 -10.07 15.95 15.99
N SER B 28 -10.14 15.53 17.25
CA SER B 28 -10.44 16.45 18.35
C SER B 28 -9.19 17.06 19.01
N SER B 29 -8.02 16.90 18.42
CA SER B 29 -6.75 17.36 19.02
C SER B 29 -6.67 18.87 19.02
N ASN B 30 -6.36 19.44 20.20
CA ASN B 30 -6.07 20.86 20.32
C ASN B 30 -4.89 21.31 19.44
N LYS B 31 -3.81 20.54 19.41
CA LYS B 31 -2.64 20.91 18.61
C LYS B 31 -2.55 20.11 17.27
N PRO B 32 -1.70 20.55 16.32
CA PRO B 32 -1.56 19.82 15.06
C PRO B 32 -1.09 18.39 15.28
N VAL B 33 -1.59 17.48 14.45
CA VAL B 33 -1.18 16.07 14.51
C VAL B 33 -0.75 15.58 13.14
N LEU B 34 0.47 15.08 13.04
CA LEU B 34 0.93 14.42 11.84
C LEU B 34 0.75 12.92 12.04
N VAL B 35 -0.08 12.31 11.19
CA VAL B 35 -0.36 10.87 11.28
C VAL B 35 0.38 10.12 10.18
N ASP B 36 1.21 9.14 10.59
CA ASP B 36 1.90 8.21 9.70
C ASP B 36 1.04 6.99 9.49
N PHE B 37 0.45 6.86 8.29
CA PHE B 37 -0.31 5.68 7.89
C PHE B 37 0.70 4.72 7.26
N TRP B 38 0.95 3.61 7.95
CA TRP B 38 2.05 2.72 7.63
C TRP B 38 1.67 1.24 7.65
N ALA B 39 2.53 0.41 7.06
CA ALA B 39 2.41 -1.06 7.14
C ALA B 39 3.74 -1.70 7.50
N THR B 40 3.66 -2.90 8.08
CA THR B 40 4.83 -3.54 8.73
C THR B 40 6.08 -3.87 7.87
N TRP B 41 5.86 -4.46 6.73
CA TRP B 41 6.93 -5.00 5.85
C TRP B 41 7.55 -3.96 4.89
N CYS B 42 6.96 -2.75 4.84
CA CYS B 42 7.28 -1.78 3.80
C CYS B 42 8.56 -1.02 4.16
N GLY B 43 9.58 -1.18 3.33
CA GLY B 43 10.89 -0.55 3.53
C GLY B 43 10.84 0.92 3.91
N PRO B 44 10.15 1.74 3.09
CA PRO B 44 10.14 3.13 3.41
C PRO B 44 9.46 3.40 4.72
N CYS B 45 8.53 2.55 5.14
CA CYS B 45 7.89 2.76 6.46
C CYS B 45 8.92 2.53 7.58
N LYS B 46 9.73 1.49 7.42
CA LYS B 46 10.78 1.18 8.42
C LYS B 46 11.76 2.32 8.53
N MET B 47 12.09 2.96 7.42
CA MET B 47 13.06 4.04 7.43
C MET B 47 12.51 5.33 8.00
N VAL B 48 11.26 5.67 7.71
CA VAL B 48 10.72 6.96 8.14
C VAL B 48 10.37 6.97 9.62
N ALA B 49 10.08 5.80 10.19
CA ALA B 49 9.65 5.70 11.59
C ALA B 49 10.62 6.38 12.57
N PRO B 50 11.93 6.05 12.52
CA PRO B 50 12.79 6.76 13.48
C PRO B 50 12.98 8.23 13.19
N VAL B 51 12.84 8.62 11.92
CA VAL B 51 12.93 10.02 11.55
C VAL B 51 11.79 10.80 12.21
N LEU B 52 10.57 10.27 12.15
CA LEU B 52 9.43 10.85 12.81
C LEU B 52 9.62 10.96 14.32
N GLU B 53 10.23 9.94 14.92
CA GLU B 53 10.46 9.93 16.38
C GLU B 53 11.40 11.08 16.73
N GLU B 54 12.47 11.26 15.94
CA GLU B 54 13.45 12.33 16.21
C GLU B 54 12.77 13.68 16.10
N ILE B 55 11.88 13.84 15.12
CA ILE B 55 11.03 15.05 14.99
C ILE B 55 10.11 15.27 16.19
N ALA B 56 9.48 14.19 16.66
CA ALA B 56 8.58 14.25 17.80
C ALA B 56 9.31 14.67 19.06
N LYS B 57 10.54 14.16 19.23
CA LYS B 57 11.40 14.53 20.36
C LYS B 57 11.82 16.00 20.31
N ASP B 58 12.07 16.52 19.12
CA ASP B 58 12.53 17.90 18.96
C ASP B 58 11.43 18.94 18.98
N HIS B 59 10.24 18.59 18.50
CA HIS B 59 9.16 19.56 18.29
C HIS B 59 7.88 19.18 19.01
N GLY B 60 8.03 18.43 20.10
CA GLY B 60 6.89 17.86 20.83
C GLY B 60 5.88 18.86 21.34
N GLU B 61 6.35 20.04 21.75
CA GLU B 61 5.45 21.10 22.24
C GLU B 61 4.51 21.62 21.14
N ALA B 62 4.97 21.64 19.88
CA ALA B 62 4.23 22.25 18.78
C ALA B 62 3.35 21.24 18.03
N LEU B 63 3.81 20.00 17.97
CA LEU B 63 3.24 19.00 17.06
C LEU B 63 3.19 17.64 17.71
N THR B 64 2.04 16.97 17.62
CA THR B 64 1.93 15.55 17.98
C THR B 64 2.20 14.67 16.75
N ILE B 65 3.00 13.63 16.91
CA ILE B 65 3.23 12.66 15.84
C ILE B 65 2.60 11.35 16.23
N ALA B 66 1.77 10.82 15.34
CA ALA B 66 0.98 9.63 15.62
C ALA B 66 1.20 8.60 14.52
N LYS B 67 1.00 7.33 14.87
CA LYS B 67 1.17 6.22 13.93
C LYS B 67 -0.16 5.49 13.83
N LEU B 68 -0.55 5.15 12.60
CA LEU B 68 -1.78 4.37 12.37
C LEU B 68 -1.41 3.19 11.45
N ASP B 69 -1.45 2.00 12.03
CA ASP B 69 -1.17 0.74 11.35
C ASP B 69 -2.37 0.45 10.44
N VAL B 70 -2.19 0.59 9.12
CA VAL B 70 -3.36 0.47 8.23
C VAL B 70 -4.02 -0.92 8.24
N ASP B 71 -3.21 -1.97 8.35
CA ASP B 71 -3.73 -3.35 8.33
C ASP B 71 -4.61 -3.59 9.57
N ALA B 72 -4.23 -3.02 10.71
CA ALA B 72 -4.98 -3.19 11.95
C ALA B 72 -6.16 -2.21 12.07
N ASN B 73 -6.16 -1.17 11.26
CA ASN B 73 -7.15 -0.10 11.36
C ASN B 73 -7.65 0.27 9.97
N PRO B 74 -8.31 -0.69 9.30
CA PRO B 74 -8.71 -0.45 7.92
C PRO B 74 -9.81 0.61 7.76
N GLU B 75 -10.64 0.84 8.78
CA GLU B 75 -11.69 1.87 8.65
C GLU B 75 -11.08 3.24 8.43
N THR B 76 -10.05 3.56 9.20
CA THR B 76 -9.43 4.87 9.12
C THR B 76 -8.56 4.97 7.88
N ALA B 77 -7.88 3.87 7.53
CA ALA B 77 -7.13 3.83 6.26
C ALA B 77 -8.08 4.18 5.11
N ARG B 78 -9.23 3.51 5.07
CA ARG B 78 -10.18 3.72 3.96
C ARG B 78 -10.74 5.16 3.97
N ALA B 79 -11.00 5.69 5.15
CA ALA B 79 -11.56 7.05 5.27
C ALA B 79 -10.68 8.11 4.60
N PHE B 80 -9.37 7.94 4.65
CA PHE B 80 -8.44 8.86 3.99
C PHE B 80 -7.85 8.31 2.69
N GLN B 81 -8.47 7.24 2.19
CA GLN B 81 -8.11 6.62 0.92
C GLN B 81 -6.60 6.43 0.82
N VAL B 82 -6.02 5.83 1.86
CA VAL B 82 -4.59 5.48 1.84
C VAL B 82 -4.30 4.27 0.92
N THR B 83 -3.65 4.53 -0.18
CA THR B 83 -3.30 3.52 -1.17
C THR B 83 -1.80 3.45 -1.46
N SER B 84 -1.00 4.39 -0.94
CA SER B 84 0.46 4.29 -0.99
C SER B 84 0.94 4.39 0.45
N ILE B 85 2.06 3.75 0.74
CA ILE B 85 2.60 3.76 2.11
C ILE B 85 4.11 4.04 2.07
N PRO B 86 4.60 4.82 3.05
CA PRO B 86 3.78 5.52 4.07
C PRO B 86 3.05 6.70 3.46
N THR B 87 1.87 7.00 4.00
CA THR B 87 1.21 8.27 3.75
C THR B 87 1.16 9.03 5.07
N LEU B 88 1.69 10.26 5.07
CA LEU B 88 1.69 11.10 6.27
C LEU B 88 0.67 12.20 6.05
N ILE B 89 -0.29 12.35 6.98
CA ILE B 89 -1.31 13.38 6.85
C ILE B 89 -1.27 14.31 8.07
N LEU B 90 -1.18 15.61 7.81
CA LEU B 90 -1.17 16.59 8.88
C LEU B 90 -2.59 17.02 9.12
N PHE B 91 -3.03 16.93 10.37
CA PHE B 91 -4.35 17.43 10.77
C PHE B 91 -4.23 18.68 11.61
N GLN B 92 -5.03 19.70 11.27
CA GLN B 92 -5.12 20.93 12.04
C GLN B 92 -6.60 21.25 12.20
N ASN B 93 -7.06 21.30 13.45
CA ASN B 93 -8.46 21.59 13.78
CA ASN B 93 -8.47 21.56 13.80
C ASN B 93 -9.46 20.64 13.08
N GLY B 94 -9.15 19.36 13.05
CA GLY B 94 -10.07 18.36 12.51
C GLY B 94 -9.97 18.12 11.01
N GLU B 95 -9.18 18.94 10.31
CA GLU B 95 -9.10 18.88 8.87
C GLU B 95 -7.72 18.43 8.44
N ALA B 96 -7.67 17.52 7.46
CA ALA B 96 -6.42 17.17 6.79
C ALA B 96 -5.93 18.37 5.97
N THR B 97 -4.72 18.86 6.24
CA THR B 97 -4.19 20.03 5.55
C THR B 97 -2.95 19.77 4.73
N LYS B 98 -2.28 18.64 4.94
CA LYS B 98 -1.12 18.28 4.13
C LYS B 98 -1.13 16.78 3.97
N ARG B 99 -0.76 16.30 2.76
CA ARG B 99 -0.61 14.87 2.50
C ARG B 99 0.75 14.64 1.82
N ILE B 100 1.59 13.84 2.47
CA ILE B 100 2.97 13.62 2.06
C ILE B 100 3.15 12.11 1.83
N VAL B 101 3.59 11.71 0.64
CA VAL B 101 3.70 10.27 0.36
C VAL B 101 5.15 9.83 0.16
N GLY B 102 5.54 8.75 0.84
CA GLY B 102 6.92 8.21 0.76
C GLY B 102 7.79 8.49 1.96
N ALA B 103 8.86 7.71 2.12
CA ALA B 103 9.85 8.02 3.13
C ALA B 103 10.47 9.37 2.75
N LYS B 104 10.76 10.18 3.76
CA LYS B 104 11.37 11.48 3.57
C LYS B 104 12.47 11.60 4.59
N SER B 105 13.47 12.41 4.25
CA SER B 105 14.52 12.74 5.19
C SER B 105 13.96 13.65 6.29
N LYS B 106 14.73 13.83 7.36
CA LYS B 106 14.34 14.76 8.43
C LYS B 106 14.15 16.17 7.85
N SER B 107 15.11 16.61 7.02
CA SER B 107 15.05 17.95 6.41
C SER B 107 13.84 18.12 5.49
N ALA B 108 13.55 17.10 4.68
CA ALA B 108 12.37 17.11 3.79
C ALA B 108 11.03 17.17 4.53
N LEU B 109 10.93 16.48 5.66
CA LEU B 109 9.72 16.53 6.46
C LEU B 109 9.62 17.88 7.15
N LEU B 110 10.76 18.41 7.60
CA LEU B 110 10.74 19.74 8.20
C LEU B 110 10.31 20.81 7.19
N ARG B 111 10.67 20.61 5.93
CA ARG B 111 10.18 21.48 4.86
C ARG B 111 8.66 21.45 4.87
N GLU B 112 8.11 20.24 4.83
CA GLU B 112 6.65 20.05 4.77
C GLU B 112 5.92 20.60 5.99
N LEU B 113 6.60 20.60 7.14
CA LEU B 113 6.04 21.09 8.41
C LEU B 113 6.37 22.56 8.71
N ASP B 114 6.86 23.30 7.71
CA ASP B 114 7.23 24.69 7.96
C ASP B 114 6.02 25.47 8.48
N GLY B 115 6.23 26.24 9.52
CA GLY B 115 5.14 27.02 10.11
C GLY B 115 4.31 26.25 11.10
N VAL B 116 4.43 24.92 11.11
CA VAL B 116 3.78 24.11 12.14
C VAL B 116 4.71 23.84 13.32
N VAL B 117 6.02 23.63 13.07
CA VAL B 117 6.99 23.42 14.16
C VAL B 117 7.48 24.75 14.74
C1 EDO C . 10.27 -0.90 -0.69
O1 EDO C . 11.61 -1.28 -0.42
C2 EDO C . 9.78 -2.10 -0.01
O2 EDO C . 8.49 -2.22 0.25
NA NA D . -4.78 -7.92 6.11
#